data_6TOS
#
_entry.id   6TOS
#
_cell.length_a   59.692
_cell.length_b   146.19
_cell.length_c   71.508
_cell.angle_alpha   90
_cell.angle_beta   112.43
_cell.angle_gamma   90
#
_symmetry.space_group_name_H-M   'P 1 21 1'
#
loop_
_entity.id
_entity.type
_entity.pdbx_description
1 polymer 'Orexin receptor type 1'
2 non-polymer [(2~{S},5~{S})-2-[[(5-bromanylpyridin-2-yl)amino]methyl]-5-methyl-piperidin-1-yl]-(3-fluoranyl-2-methoxy-phenyl)methanone
3 non-polymer 'TETRAETHYLENE GLYCOL'
4 non-polymer 'CITRIC ACID'
5 non-polymer 'SULFATE ION'
6 non-polymer 'octyl 1-thio-beta-D-glucopyranoside'
7 non-polymer 'SODIUM ION'
8 non-polymer '(1R)-2-{[(S)-{[(2S)-2,3-dihydroxypropyl]oxy}(hydroxy)phosphoryl]oxy}-1-[(hexadecanoyloxy)methyl]ethyl (9Z)-octadec-9-enoate'
9 water water
#
_entity_poly.entity_id   1
_entity_poly.type   'polypeptide(L)'
_entity_poly.pdbx_seq_one_letter_code
;AASEDEFLRYLWRDYLYPKQYAWVLIAAYVAVFVVALVGNTLVCLAVWRNHHMRTVTNYFLVNLSLADVLATAICLPASL
LVDITESWLFGHALCKVIPYLQAVSVSVAVLTLSFIALDRWYAICHPLLFKSTARRALGSILGIWAVSLAIMVPQAAVME
CSSVLPELAARTRAFSVCDERWADDLAPKIYHSCFFIVTYLAPLGLMAMAYFQIFRKLWGRQIPGTTSAEVKQMRARRKT
AKMLMVVVLVFALCYLPISVLNVLKRVFGMFRQASDREAVYAAFTFSHWLVYANSAANPIIYNFLSGKFREQFKAAFSWW
LPGLAAAHHHHHHHHH
;
_entity_poly.pdbx_strand_id   A,B
#
# COMPACT_ATOMS: atom_id res chain seq x y z
N SER A 3 11.88 -41.96 44.99
CA SER A 3 11.06 -41.40 43.92
C SER A 3 11.93 -40.84 42.77
N GLU A 4 12.62 -41.78 42.06
CA GLU A 4 13.52 -41.54 40.93
C GLU A 4 12.85 -40.89 39.71
N ASP A 5 11.62 -41.35 39.37
CA ASP A 5 10.82 -40.85 38.26
C ASP A 5 10.42 -39.38 38.49
N GLU A 6 10.01 -39.03 39.72
CA GLU A 6 9.66 -37.67 40.13
C GLU A 6 10.90 -36.77 40.07
N PHE A 7 12.09 -37.30 40.46
CA PHE A 7 13.37 -36.58 40.40
C PHE A 7 13.74 -36.22 38.95
N LEU A 8 13.61 -37.21 38.03
CA LEU A 8 13.93 -37.07 36.60
C LEU A 8 13.00 -36.09 35.93
N ARG A 9 11.75 -35.99 36.41
CA ARG A 9 10.74 -35.08 35.88
C ARG A 9 11.04 -33.63 36.25
N TYR A 10 11.53 -33.40 37.49
CA TYR A 10 11.93 -32.06 37.93
C TYR A 10 13.29 -31.66 37.35
N LEU A 11 14.17 -32.66 37.07
CA LEU A 11 15.46 -32.43 36.41
C LEU A 11 15.20 -31.96 34.97
N TRP A 12 14.24 -32.63 34.30
CA TRP A 12 13.85 -32.27 32.96
C TRP A 12 13.24 -30.85 32.94
N ARG A 13 12.25 -30.58 33.81
CA ARG A 13 11.57 -29.28 33.88
C ARG A 13 12.49 -28.09 34.29
N ASP A 14 13.31 -28.29 35.32
CA ASP A 14 14.12 -27.23 35.93
C ASP A 14 15.49 -27.00 35.33
N TYR A 15 16.00 -27.98 34.57
CA TYR A 15 17.35 -27.93 34.04
C TYR A 15 17.48 -28.40 32.58
N LEU A 16 17.23 -29.70 32.29
CA LEU A 16 17.42 -30.25 30.94
C LEU A 16 16.60 -29.55 29.82
N TYR A 17 15.28 -29.38 30.02
CA TYR A 17 14.43 -28.68 29.05
C TYR A 17 14.88 -27.20 28.83
N PRO A 18 15.00 -26.33 29.87
CA PRO A 18 15.49 -24.95 29.61
C PRO A 18 16.87 -24.85 28.93
N LYS A 19 17.77 -25.81 29.18
CA LYS A 19 19.09 -25.82 28.55
C LYS A 19 18.99 -26.18 27.08
N GLN A 20 18.22 -27.24 26.74
CA GLN A 20 17.99 -27.68 25.36
C GLN A 20 17.28 -26.59 24.57
N TYR A 21 16.28 -25.92 25.21
CA TYR A 21 15.53 -24.80 24.63
C TYR A 21 16.47 -23.64 24.27
N ALA A 22 17.41 -23.26 25.16
CA ALA A 22 18.38 -22.19 24.92
C ALA A 22 19.39 -22.58 23.85
N TRP A 23 19.79 -23.88 23.82
CA TRP A 23 20.71 -24.37 22.79
C TRP A 23 20.07 -24.25 21.40
N VAL A 24 18.85 -24.83 21.23
CA VAL A 24 18.07 -24.79 19.98
C VAL A 24 17.84 -23.34 19.53
N LEU A 25 17.39 -22.46 20.45
CA LEU A 25 17.14 -21.04 20.20
C LEU A 25 18.37 -20.28 19.68
N ILE A 26 19.51 -20.40 20.39
CA ILE A 26 20.75 -19.72 20.05
C ILE A 26 21.35 -20.28 18.74
N ALA A 27 21.43 -21.63 18.58
CA ALA A 27 21.93 -22.26 17.36
C ALA A 27 21.05 -21.89 16.15
N ALA A 28 19.71 -21.82 16.32
CA ALA A 28 18.79 -21.45 15.24
C ALA A 28 18.99 -20.04 14.77
N TYR A 29 19.17 -19.10 15.71
CA TYR A 29 19.39 -17.68 15.43
C TYR A 29 20.77 -17.43 14.85
N VAL A 30 21.80 -18.14 15.34
CA VAL A 30 23.18 -18.00 14.85
C VAL A 30 23.30 -18.59 13.42
N ALA A 31 22.72 -19.79 13.16
CA ALA A 31 22.76 -20.42 11.83
C ALA A 31 22.12 -19.53 10.77
N VAL A 32 20.99 -18.91 11.11
CA VAL A 32 20.24 -18.03 10.23
C VAL A 32 20.97 -16.68 10.02
N PHE A 33 21.61 -16.11 11.06
CA PHE A 33 22.38 -14.87 11.01
C PHE A 33 23.54 -15.03 10.01
N VAL A 34 24.33 -16.13 10.17
CA VAL A 34 25.48 -16.45 9.31
C VAL A 34 25.06 -16.72 7.85
N VAL A 35 24.09 -17.63 7.62
CA VAL A 35 23.61 -18.02 6.27
C VAL A 35 23.01 -16.82 5.54
N ALA A 36 22.23 -15.99 6.25
CA ALA A 36 21.63 -14.77 5.68
C ALA A 36 22.72 -13.72 5.33
N LEU A 37 23.74 -13.50 6.22
CA LEU A 37 24.76 -12.51 5.92
C LEU A 37 25.60 -12.90 4.73
N VAL A 38 26.13 -14.15 4.71
CA VAL A 38 26.94 -14.67 3.62
C VAL A 38 26.13 -14.72 2.31
N GLY A 39 24.97 -15.39 2.37
CA GLY A 39 24.08 -15.60 1.23
C GLY A 39 23.67 -14.34 0.51
N ASN A 40 23.17 -13.35 1.27
CA ASN A 40 22.71 -12.09 0.70
C ASN A 40 23.85 -11.24 0.19
N THR A 41 25.06 -11.37 0.78
CA THR A 41 26.25 -10.68 0.29
C THR A 41 26.54 -11.25 -1.10
N LEU A 42 26.48 -12.60 -1.23
CA LEU A 42 26.72 -13.32 -2.50
C LEU A 42 25.74 -12.96 -3.61
N VAL A 43 24.49 -12.66 -3.25
CA VAL A 43 23.44 -12.24 -4.19
C VAL A 43 23.87 -10.92 -4.85
N CYS A 44 24.28 -9.93 -4.03
CA CYS A 44 24.78 -8.62 -4.43
C CYS A 44 26.04 -8.77 -5.30
N LEU A 45 26.94 -9.71 -4.91
CA LEU A 45 28.19 -9.98 -5.66
C LEU A 45 27.94 -10.69 -6.99
N ALA A 46 26.97 -11.63 -7.06
CA ALA A 46 26.60 -12.38 -8.27
C ALA A 46 26.08 -11.44 -9.38
N VAL A 47 25.25 -10.46 -8.99
CA VAL A 47 24.66 -9.46 -9.88
C VAL A 47 25.71 -8.43 -10.29
N TRP A 48 26.59 -8.03 -9.35
CA TRP A 48 27.70 -7.11 -9.62
C TRP A 48 28.75 -7.75 -10.58
N ARG A 49 29.12 -9.03 -10.36
CA ARG A 49 30.14 -9.69 -11.19
C ARG A 49 29.61 -10.02 -12.60
N ASN A 50 28.48 -10.71 -12.72
CA ASN A 50 27.91 -11.10 -14.02
C ASN A 50 26.98 -9.98 -14.55
N HIS A 51 27.35 -9.32 -15.66
CA HIS A 51 26.54 -8.25 -16.24
C HIS A 51 25.25 -8.75 -16.91
N HIS A 52 25.22 -10.02 -17.36
CA HIS A 52 24.02 -10.63 -17.95
C HIS A 52 22.81 -10.94 -17.06
N MET A 53 23.03 -10.95 -15.73
CA MET A 53 22.03 -11.11 -14.66
C MET A 53 21.51 -9.72 -14.04
N ARG A 54 21.96 -8.66 -14.73
CA ARG A 54 21.68 -7.29 -14.37
C ARG A 54 20.32 -7.05 -15.03
N THR A 55 19.31 -7.86 -14.67
CA THR A 55 17.94 -7.71 -15.17
C THR A 55 17.14 -6.89 -14.15
N VAL A 56 15.90 -6.52 -14.49
CA VAL A 56 14.98 -5.77 -13.64
C VAL A 56 14.63 -6.64 -12.41
N THR A 57 14.39 -7.96 -12.62
CA THR A 57 14.06 -8.89 -11.52
C THR A 57 15.21 -8.97 -10.54
N ASN A 58 16.45 -9.27 -11.02
CA ASN A 58 17.64 -9.40 -10.18
C ASN A 58 18.06 -8.08 -9.48
N TYR A 59 17.76 -6.87 -10.08
CA TYR A 59 18.02 -5.58 -9.40
C TYR A 59 17.10 -5.45 -8.14
N PHE A 60 15.84 -5.91 -8.26
CA PHE A 60 14.88 -5.93 -7.17
C PHE A 60 15.27 -7.05 -6.18
N LEU A 61 15.76 -8.21 -6.67
CA LEU A 61 16.25 -9.29 -5.78
C LEU A 61 17.45 -8.82 -4.91
N VAL A 62 18.32 -7.93 -5.45
CA VAL A 62 19.44 -7.32 -4.70
C VAL A 62 18.84 -6.42 -3.60
N ASN A 63 17.81 -5.62 -3.94
CA ASN A 63 17.12 -4.74 -2.98
C ASN A 63 16.43 -5.55 -1.86
N LEU A 64 15.88 -6.74 -2.19
CA LEU A 64 15.30 -7.65 -1.24
C LEU A 64 16.40 -8.13 -0.28
N SER A 65 17.59 -8.40 -0.81
CA SER A 65 18.76 -8.80 -0.03
C SER A 65 19.25 -7.68 0.90
N LEU A 66 19.11 -6.38 0.48
CA LEU A 66 19.48 -5.22 1.31
C LEU A 66 18.56 -5.10 2.54
N ALA A 67 17.25 -5.21 2.32
CA ALA A 67 16.23 -5.18 3.37
C ALA A 67 16.46 -6.38 4.31
N ASP A 68 16.83 -7.54 3.74
CA ASP A 68 17.08 -8.75 4.52
C ASP A 68 18.39 -8.63 5.34
N VAL A 69 19.40 -7.93 4.80
CA VAL A 69 20.65 -7.66 5.52
C VAL A 69 20.42 -6.62 6.63
N LEU A 70 19.54 -5.64 6.38
CA LEU A 70 19.15 -4.62 7.37
C LEU A 70 18.64 -5.32 8.65
N ALA A 71 17.63 -6.21 8.49
CA ALA A 71 16.99 -6.99 9.55
C ALA A 71 17.94 -7.98 10.22
N THR A 72 18.76 -8.69 9.42
CA THR A 72 19.72 -9.68 9.94
C THR A 72 20.82 -9.04 10.79
N ALA A 73 21.43 -7.94 10.33
CA ALA A 73 22.54 -7.34 11.04
C ALA A 73 22.14 -6.58 12.32
N ILE A 74 21.09 -5.74 12.24
CA ILE A 74 20.67 -4.87 13.34
C ILE A 74 19.57 -5.44 14.22
N CYS A 75 18.51 -6.01 13.64
CA CYS A 75 17.33 -6.46 14.40
C CYS A 75 17.42 -7.87 14.96
N LEU A 76 18.00 -8.83 14.21
CA LEU A 76 18.16 -10.24 14.61
C LEU A 76 18.88 -10.38 15.98
N PRO A 77 20.07 -9.75 16.23
CA PRO A 77 20.71 -9.88 17.57
C PRO A 77 19.83 -9.34 18.69
N ALA A 78 19.08 -8.22 18.46
CA ALA A 78 18.18 -7.62 19.46
C ALA A 78 17.01 -8.54 19.79
N SER A 79 16.42 -9.16 18.75
CA SER A 79 15.31 -10.11 18.88
C SER A 79 15.74 -11.36 19.66
N LEU A 80 16.94 -11.87 19.37
CA LEU A 80 17.51 -13.01 20.09
C LEU A 80 17.58 -12.70 21.60
N LEU A 81 18.04 -11.48 21.97
CA LEU A 81 18.16 -11.11 23.38
C LEU A 81 16.82 -10.90 24.08
N VAL A 82 15.80 -10.37 23.36
CA VAL A 82 14.44 -10.26 23.90
C VAL A 82 13.87 -11.69 24.07
N ASP A 83 14.03 -12.55 23.05
CA ASP A 83 13.55 -13.94 23.11
C ASP A 83 14.22 -14.80 24.23
N ILE A 84 15.39 -14.36 24.78
CA ILE A 84 16.11 -15.02 25.88
C ILE A 84 15.64 -14.44 27.24
N THR A 85 15.75 -13.12 27.38
CA THR A 85 15.51 -12.38 28.62
C THR A 85 14.09 -11.90 28.84
N GLU A 86 13.36 -11.64 27.76
CA GLU A 86 11.99 -11.05 27.75
C GLU A 86 12.05 -9.64 28.34
N SER A 87 13.16 -8.94 28.08
CA SER A 87 13.43 -7.58 28.56
C SER A 87 14.28 -6.84 27.53
N TRP A 88 14.39 -5.53 27.68
CA TRP A 88 15.13 -4.69 26.76
C TRP A 88 16.43 -4.24 27.38
N LEU A 89 17.55 -4.60 26.74
CA LEU A 89 18.91 -4.31 27.22
C LEU A 89 19.70 -3.27 26.37
N PHE A 90 19.09 -2.58 25.40
CA PHE A 90 19.83 -1.66 24.53
C PHE A 90 19.48 -0.17 24.68
N GLY A 91 18.72 0.18 25.72
CA GLY A 91 18.35 1.56 26.01
C GLY A 91 17.13 2.08 25.30
N HIS A 92 16.70 3.33 25.67
CA HIS A 92 15.56 4.06 25.15
CA HIS A 92 15.51 3.95 25.09
C HIS A 92 15.66 4.40 23.65
N ALA A 93 16.82 4.94 23.21
CA ALA A 93 17.01 5.34 21.80
C ALA A 93 16.84 4.16 20.83
N LEU A 94 17.50 3.01 21.12
CA LEU A 94 17.45 1.79 20.30
C LEU A 94 16.12 1.08 20.39
N CYS A 95 15.33 1.37 21.46
CA CYS A 95 13.96 0.83 21.60
C CYS A 95 13.06 1.47 20.51
N LYS A 96 13.43 2.65 20.01
CA LYS A 96 12.70 3.26 18.91
C LYS A 96 13.30 2.88 17.57
N VAL A 97 14.63 2.84 17.48
CA VAL A 97 15.38 2.61 16.24
C VAL A 97 15.25 1.19 15.70
N ILE A 98 15.57 0.15 16.51
CA ILE A 98 15.55 -1.25 16.08
C ILE A 98 14.11 -1.67 15.65
N PRO A 99 13.02 -1.50 16.45
CA PRO A 99 11.68 -1.86 15.95
C PRO A 99 11.28 -1.14 14.66
N TYR A 100 11.72 0.14 14.52
CA TYR A 100 11.49 0.97 13.33
C TYR A 100 12.21 0.36 12.09
N LEU A 101 13.51 0.07 12.21
CA LEU A 101 14.30 -0.57 11.15
C LEU A 101 13.72 -1.93 10.75
N GLN A 102 13.18 -2.71 11.70
CA GLN A 102 12.54 -4.01 11.47
C GLN A 102 11.27 -3.85 10.63
N ALA A 103 10.40 -2.88 11.00
CA ALA A 103 9.17 -2.59 10.25
C ALA A 103 9.53 -2.05 8.84
N VAL A 104 10.58 -1.22 8.74
CA VAL A 104 11.05 -0.66 7.45
C VAL A 104 11.47 -1.79 6.50
N SER A 105 12.19 -2.76 7.04
CA SER A 105 12.68 -3.94 6.37
C SER A 105 11.51 -4.80 5.83
N VAL A 106 10.44 -5.00 6.61
CA VAL A 106 9.26 -5.76 6.18
C VAL A 106 8.63 -5.01 4.98
N SER A 107 8.42 -3.70 5.13
CA SER A 107 7.83 -2.83 4.12
C SER A 107 8.64 -2.83 2.83
N VAL A 108 9.98 -2.74 2.91
CA VAL A 108 10.86 -2.77 1.72
C VAL A 108 10.75 -4.16 1.07
N ALA A 109 10.81 -5.25 1.87
CA ALA A 109 10.72 -6.63 1.36
C ALA A 109 9.44 -6.88 0.51
N VAL A 110 8.26 -6.58 1.08
CA VAL A 110 6.94 -6.79 0.45
C VAL A 110 6.71 -5.83 -0.72
N LEU A 111 7.17 -4.56 -0.64
CA LEU A 111 7.09 -3.63 -1.75
C LEU A 111 8.00 -4.07 -2.91
N THR A 112 9.18 -4.58 -2.61
CA THR A 112 10.10 -5.10 -3.63
C THR A 112 9.46 -6.29 -4.38
N LEU A 113 8.80 -7.20 -3.64
CA LEU A 113 8.12 -8.37 -4.19
C LEU A 113 6.92 -7.98 -5.09
N SER A 114 6.13 -6.97 -4.66
CA SER A 114 4.97 -6.39 -5.39
C SER A 114 5.44 -5.82 -6.76
N PHE A 115 6.53 -5.03 -6.75
CA PHE A 115 7.07 -4.41 -7.98
C PHE A 115 7.65 -5.44 -8.89
N ILE A 116 8.19 -6.59 -8.37
CA ILE A 116 8.70 -7.67 -9.24
C ILE A 116 7.50 -8.28 -9.97
N ALA A 117 6.45 -8.61 -9.19
CA ALA A 117 5.20 -9.20 -9.66
C ALA A 117 4.57 -8.32 -10.74
N LEU A 118 4.54 -7.02 -10.49
CA LEU A 118 3.99 -5.98 -11.36
C LEU A 118 4.76 -5.93 -12.67
N ASP A 119 6.10 -6.01 -12.58
CA ASP A 119 6.99 -6.01 -13.72
C ASP A 119 6.74 -7.27 -14.56
N ARG A 120 6.64 -8.45 -13.91
CA ARG A 120 6.42 -9.71 -14.62
C ARG A 120 5.04 -9.79 -15.26
N TRP A 121 4.03 -9.24 -14.57
CA TRP A 121 2.65 -9.19 -15.01
C TRP A 121 2.49 -8.33 -16.24
N TYR A 122 3.12 -7.15 -16.27
CA TYR A 122 3.11 -6.33 -17.48
C TYR A 122 3.97 -6.93 -18.59
N ALA A 123 5.15 -7.48 -18.29
CA ALA A 123 5.97 -8.02 -19.38
C ALA A 123 5.34 -9.26 -20.06
N ILE A 124 4.72 -10.18 -19.29
CA ILE A 124 4.13 -11.42 -19.79
C ILE A 124 2.65 -11.29 -20.19
N CYS A 125 1.79 -10.67 -19.35
CA CYS A 125 0.33 -10.61 -19.58
C CYS A 125 -0.15 -9.40 -20.38
N HIS A 126 0.45 -8.22 -20.18
CA HIS A 126 0.07 -6.97 -20.87
C HIS A 126 1.30 -6.24 -21.42
N PRO A 127 2.05 -6.87 -22.36
CA PRO A 127 3.25 -6.20 -22.91
C PRO A 127 2.97 -4.92 -23.70
N LEU A 128 4.04 -4.11 -23.86
CA LEU A 128 4.13 -2.87 -24.66
C LEU A 128 3.25 -1.69 -24.19
N LEU A 129 2.79 -1.68 -22.92
CA LEU A 129 2.02 -0.56 -22.33
C LEU A 129 2.99 0.25 -21.45
N PHE A 130 3.76 -0.46 -20.60
CA PHE A 130 4.73 0.14 -19.70
C PHE A 130 6.15 -0.39 -19.93
N LYS A 131 7.07 0.55 -20.25
CA LYS A 131 8.48 0.25 -20.46
C LYS A 131 9.16 -0.01 -19.11
N SER A 132 9.84 -1.15 -18.97
CA SER A 132 10.59 -1.45 -17.76
C SER A 132 12.05 -1.73 -18.06
N THR A 133 12.91 -0.82 -17.61
CA THR A 133 14.36 -0.93 -17.81
C THR A 133 15.10 -0.92 -16.46
N ALA A 134 16.39 -1.27 -16.49
CA ALA A 134 17.31 -1.31 -15.36
C ALA A 134 17.43 0.06 -14.65
N ARG A 135 17.43 1.17 -15.43
CA ARG A 135 17.55 2.55 -14.93
C ARG A 135 16.32 2.94 -14.13
N ARG A 136 15.13 2.53 -14.61
CA ARG A 136 13.85 2.83 -13.95
C ARG A 136 13.63 1.95 -12.73
N ALA A 137 14.34 0.80 -12.65
CA ALA A 137 14.28 -0.11 -11.50
C ALA A 137 14.94 0.59 -10.30
N LEU A 138 16.06 1.33 -10.51
CA LEU A 138 16.73 2.10 -9.46
C LEU A 138 15.88 3.27 -8.92
N GLY A 139 15.02 3.83 -9.77
CA GLY A 139 14.09 4.89 -9.37
C GLY A 139 12.95 4.32 -8.54
N SER A 140 12.48 3.11 -8.92
CA SER A 140 11.42 2.39 -8.21
C SER A 140 11.99 1.90 -6.86
N ILE A 141 13.26 1.42 -6.82
CA ILE A 141 13.97 0.96 -5.61
C ILE A 141 14.11 2.12 -4.61
N LEU A 142 14.53 3.32 -5.08
CA LEU A 142 14.64 4.50 -4.21
C LEU A 142 13.28 4.90 -3.64
N GLY A 143 12.24 4.80 -4.47
CA GLY A 143 10.84 5.06 -4.11
C GLY A 143 10.32 4.09 -3.07
N ILE A 144 10.77 2.82 -3.11
CA ILE A 144 10.41 1.78 -2.14
C ILE A 144 11.00 2.17 -0.75
N TRP A 145 12.27 2.58 -0.70
CA TRP A 145 12.91 3.01 0.55
C TRP A 145 12.27 4.28 1.11
N ALA A 146 12.04 5.29 0.26
CA ALA A 146 11.43 6.54 0.68
C ALA A 146 10.05 6.33 1.30
N VAL A 147 9.22 5.44 0.72
CA VAL A 147 7.85 5.13 1.18
C VAL A 147 7.96 4.39 2.52
N SER A 148 8.72 3.29 2.56
CA SER A 148 8.96 2.44 3.72
C SER A 148 9.47 3.20 4.94
N LEU A 149 10.46 4.10 4.75
CA LEU A 149 11.01 4.93 5.83
C LEU A 149 9.95 5.90 6.39
N ALA A 150 9.07 6.41 5.56
CA ALA A 150 8.02 7.33 6.00
C ALA A 150 6.83 6.67 6.75
N ILE A 151 6.24 5.61 6.18
CA ILE A 151 5.05 4.95 6.69
C ILE A 151 5.27 4.16 7.99
N MET A 152 6.55 3.92 8.34
CA MET A 152 6.95 3.20 9.54
C MET A 152 7.31 4.14 10.69
N VAL A 153 7.27 5.48 10.47
CA VAL A 153 7.49 6.48 11.53
C VAL A 153 6.38 6.30 12.64
N PRO A 154 5.07 6.05 12.36
CA PRO A 154 4.10 5.80 13.46
C PRO A 154 4.54 4.70 14.43
N GLN A 155 5.18 3.61 13.90
CA GLN A 155 5.76 2.50 14.64
C GLN A 155 6.86 2.99 15.60
N ALA A 156 7.77 3.85 15.09
CA ALA A 156 8.84 4.43 15.89
C ALA A 156 8.22 5.31 17.01
N ALA A 157 7.18 6.10 16.68
CA ALA A 157 6.49 7.00 17.60
C ALA A 157 5.85 6.33 18.82
N VAL A 158 5.33 5.10 18.68
CA VAL A 158 4.64 4.36 19.76
C VAL A 158 5.61 3.55 20.64
N MET A 159 6.84 3.29 20.17
CA MET A 159 7.77 2.50 20.97
C MET A 159 8.23 3.29 22.20
N GLU A 160 8.19 2.63 23.34
CA GLU A 160 8.63 3.17 24.62
C GLU A 160 9.37 2.12 25.40
N CYS A 161 10.39 2.58 26.12
CA CYS A 161 11.21 1.73 26.96
C CYS A 161 10.84 2.12 28.39
N SER A 162 10.12 1.24 29.07
CA SER A 162 9.65 1.50 30.43
C SER A 162 10.19 0.52 31.46
N SER A 163 10.51 1.05 32.66
CA SER A 163 11.02 0.27 33.79
C SER A 163 9.91 -0.54 34.46
N VAL A 164 10.26 -1.77 34.90
CA VAL A 164 9.34 -2.72 35.56
C VAL A 164 9.92 -3.18 36.90
N ARG A 173 14.07 -6.20 41.39
CA ARG A 173 14.15 -6.44 39.94
C ARG A 173 14.91 -5.34 39.17
N ALA A 174 14.19 -4.25 38.79
CA ALA A 174 14.67 -3.09 38.01
C ALA A 174 15.18 -3.51 36.62
N PHE A 175 14.24 -3.75 35.69
CA PHE A 175 14.51 -4.11 34.31
C PHE A 175 13.61 -3.35 33.33
N SER A 176 14.09 -3.14 32.10
CA SER A 176 13.32 -2.42 31.10
C SER A 176 12.58 -3.32 30.12
N VAL A 177 11.46 -2.81 29.61
CA VAL A 177 10.65 -3.49 28.61
C VAL A 177 10.45 -2.55 27.41
N CYS A 178 10.69 -3.04 26.19
CA CYS A 178 10.46 -2.20 25.00
C CYS A 178 9.11 -2.63 24.43
N ASP A 179 8.16 -1.74 24.49
CA ASP A 179 6.82 -2.06 24.05
C ASP A 179 6.15 -0.83 23.43
N GLU A 180 5.03 -1.06 22.73
CA GLU A 180 4.23 0.01 22.16
C GLU A 180 3.39 0.61 23.27
N ARG A 181 3.33 1.92 23.30
CA ARG A 181 2.51 2.66 24.26
C ARG A 181 1.37 3.27 23.43
N TRP A 182 0.15 2.96 23.83
CA TRP A 182 -1.06 3.47 23.20
C TRP A 182 -1.90 4.18 24.29
N ALA A 183 -2.33 5.42 24.02
CA ALA A 183 -3.17 6.27 24.90
C ALA A 183 -4.60 5.74 25.05
N ASP A 184 -5.14 5.05 24.04
CA ASP A 184 -6.48 4.48 24.06
C ASP A 184 -6.52 3.09 23.38
N ASP A 185 -7.58 2.31 23.64
CA ASP A 185 -7.83 0.95 23.15
C ASP A 185 -8.19 0.81 21.66
N LEU A 186 -8.73 1.85 21.03
CA LEU A 186 -9.18 1.79 19.63
C LEU A 186 -8.01 1.93 18.64
N ALA A 187 -7.12 2.92 18.88
CA ALA A 187 -5.93 3.21 18.05
C ALA A 187 -5.09 1.95 17.71
N PRO A 188 -4.62 1.09 18.67
CA PRO A 188 -3.83 -0.11 18.26
C PRO A 188 -4.58 -1.12 17.40
N LYS A 189 -5.92 -1.18 17.55
CA LYS A 189 -6.79 -2.04 16.72
C LYS A 189 -6.82 -1.57 15.27
N ILE A 190 -7.00 -0.26 15.06
CA ILE A 190 -7.04 0.31 13.71
C ILE A 190 -5.64 0.20 13.08
N TYR A 191 -4.61 0.56 13.83
CA TYR A 191 -3.22 0.49 13.36
C TYR A 191 -2.73 -0.93 13.00
N HIS A 192 -3.00 -1.93 13.86
CA HIS A 192 -2.54 -3.30 13.61
C HIS A 192 -3.34 -4.00 12.54
N SER A 193 -4.60 -3.62 12.37
CA SER A 193 -5.44 -4.08 11.25
C SER A 193 -4.85 -3.54 9.92
N CYS A 194 -4.57 -2.22 9.83
CA CYS A 194 -3.94 -1.56 8.67
C CYS A 194 -2.57 -2.14 8.39
N PHE A 195 -1.74 -2.35 9.45
CA PHE A 195 -0.40 -2.90 9.28
C PHE A 195 -0.47 -4.27 8.56
N PHE A 196 -1.33 -5.17 9.04
CA PHE A 196 -1.53 -6.50 8.50
C PHE A 196 -1.99 -6.48 7.04
N ILE A 197 -3.01 -5.66 6.73
CA ILE A 197 -3.55 -5.61 5.37
C ILE A 197 -2.59 -4.95 4.37
N VAL A 198 -1.86 -3.91 4.82
CA VAL A 198 -0.94 -3.16 3.95
C VAL A 198 0.38 -3.90 3.76
N THR A 199 0.92 -4.57 4.81
CA THR A 199 2.23 -5.23 4.64
C THR A 199 2.15 -6.74 4.36
N TYR A 200 0.98 -7.33 4.55
CA TYR A 200 0.86 -8.75 4.36
C TYR A 200 -0.24 -9.16 3.38
N LEU A 201 -1.53 -9.03 3.80
CA LEU A 201 -2.67 -9.56 3.07
C LEU A 201 -2.88 -8.98 1.67
N ALA A 202 -3.08 -7.65 1.53
CA ALA A 202 -3.33 -7.04 0.22
C ALA A 202 -2.16 -7.27 -0.77
N PRO A 203 -0.86 -7.04 -0.47
CA PRO A 203 0.16 -7.32 -1.51
C PRO A 203 0.29 -8.80 -1.86
N LEU A 204 0.20 -9.72 -0.87
CA LEU A 204 0.34 -11.16 -1.18
C LEU A 204 -0.89 -11.76 -1.92
N GLY A 205 -2.08 -11.22 -1.66
CA GLY A 205 -3.31 -11.59 -2.35
C GLY A 205 -3.21 -11.17 -3.81
N LEU A 206 -2.76 -9.91 -4.05
CA LEU A 206 -2.55 -9.37 -5.39
C LEU A 206 -1.43 -10.11 -6.16
N MET A 207 -0.27 -10.39 -5.51
CA MET A 207 0.82 -11.14 -6.13
C MET A 207 0.40 -12.58 -6.50
N ALA A 208 -0.40 -13.25 -5.65
CA ALA A 208 -0.86 -14.62 -5.92
C ALA A 208 -1.71 -14.64 -7.20
N MET A 209 -2.66 -13.69 -7.32
CA MET A 209 -3.52 -13.54 -8.51
C MET A 209 -2.70 -13.15 -9.74
N ALA A 210 -1.62 -12.35 -9.57
CA ALA A 210 -0.78 -11.96 -10.71
C ALA A 210 0.05 -13.17 -11.18
N TYR A 211 0.63 -13.95 -10.25
CA TYR A 211 1.42 -15.13 -10.60
C TYR A 211 0.56 -16.27 -11.18
N PHE A 212 -0.72 -16.33 -10.78
CA PHE A 212 -1.66 -17.32 -11.31
C PHE A 212 -1.93 -16.97 -12.78
N GLN A 213 -1.99 -15.67 -13.09
CA GLN A 213 -2.20 -15.23 -14.48
C GLN A 213 -0.97 -15.49 -15.35
N ILE A 214 0.24 -15.25 -14.80
CA ILE A 214 1.53 -15.50 -15.44
C ILE A 214 1.69 -17.02 -15.69
N PHE A 215 1.25 -17.87 -14.73
CA PHE A 215 1.27 -19.34 -14.83
C PHE A 215 0.43 -19.79 -16.03
N ARG A 216 -0.76 -19.17 -16.20
CA ARG A 216 -1.72 -19.44 -17.26
C ARG A 216 -1.20 -18.98 -18.63
N LYS A 217 -0.43 -17.88 -18.67
CA LYS A 217 0.15 -17.38 -19.92
C LYS A 217 1.36 -18.23 -20.33
N LEU A 218 2.29 -18.49 -19.39
CA LEU A 218 3.51 -19.24 -19.65
C LEU A 218 3.32 -20.75 -19.85
N TRP A 219 2.52 -21.42 -19.00
CA TRP A 219 2.29 -22.87 -19.11
C TRP A 219 0.97 -23.26 -19.79
N GLY A 220 0.30 -22.29 -20.43
CA GLY A 220 -0.96 -22.51 -21.13
C GLY A 220 -0.80 -23.29 -22.41
N GLU A 230 11.13 -16.60 -29.48
CA GLU A 230 9.95 -16.61 -28.63
C GLU A 230 9.91 -17.83 -27.70
N VAL A 231 10.18 -19.03 -28.25
CA VAL A 231 10.21 -20.32 -27.53
C VAL A 231 11.36 -20.27 -26.51
N LYS A 232 12.53 -19.72 -26.94
CA LYS A 232 13.74 -19.56 -26.12
C LYS A 232 13.50 -18.56 -24.99
N GLN A 233 12.75 -17.47 -25.27
CA GLN A 233 12.42 -16.42 -24.31
C GLN A 233 11.42 -16.97 -23.27
N MET A 234 10.40 -17.74 -23.72
CA MET A 234 9.41 -18.37 -22.86
C MET A 234 10.05 -19.44 -21.96
N ARG A 235 11.14 -20.08 -22.43
CA ARG A 235 11.89 -21.08 -21.65
C ARG A 235 12.58 -20.38 -20.47
N ALA A 236 13.16 -19.18 -20.73
CA ALA A 236 13.85 -18.35 -19.75
C ALA A 236 12.84 -17.75 -18.75
N ARG A 237 11.68 -17.26 -19.26
CA ARG A 237 10.58 -16.70 -18.47
C ARG A 237 9.94 -17.72 -17.52
N ARG A 238 9.75 -18.98 -17.98
CA ARG A 238 9.19 -20.05 -17.15
C ARG A 238 10.10 -20.35 -15.97
N LYS A 239 11.44 -20.34 -16.18
CA LYS A 239 12.40 -20.60 -15.10
C LYS A 239 12.37 -19.51 -14.01
N THR A 240 12.35 -18.23 -14.42
CA THR A 240 12.29 -17.07 -13.52
C THR A 240 10.94 -17.01 -12.78
N ALA A 241 9.81 -17.23 -13.48
CA ALA A 241 8.49 -17.22 -12.87
C ALA A 241 8.31 -18.37 -11.84
N LYS A 242 8.95 -19.54 -12.10
CA LYS A 242 8.89 -20.67 -11.17
C LYS A 242 9.61 -20.30 -9.86
N MET A 243 10.84 -19.75 -9.96
CA MET A 243 11.67 -19.29 -8.84
C MET A 243 10.94 -18.23 -7.99
N LEU A 244 10.43 -17.19 -8.65
CA LEU A 244 9.71 -16.07 -8.03
C LEU A 244 8.45 -16.50 -7.31
N MET A 245 7.74 -17.52 -7.82
CA MET A 245 6.52 -18.03 -7.18
C MET A 245 6.89 -18.71 -5.86
N VAL A 246 8.03 -19.43 -5.84
CA VAL A 246 8.57 -20.12 -4.66
C VAL A 246 9.01 -19.09 -3.62
N VAL A 247 9.64 -17.98 -4.06
CA VAL A 247 10.07 -16.87 -3.19
C VAL A 247 8.85 -16.23 -2.49
N VAL A 248 7.77 -15.92 -3.23
CA VAL A 248 6.53 -15.32 -2.70
C VAL A 248 5.86 -16.31 -1.74
N LEU A 249 5.74 -17.59 -2.12
CA LEU A 249 5.16 -18.61 -1.27
C LEU A 249 5.92 -18.69 0.10
N VAL A 250 7.26 -18.80 0.05
CA VAL A 250 8.15 -18.87 1.21
C VAL A 250 8.05 -17.57 2.05
N PHE A 251 7.94 -16.40 1.39
CA PHE A 251 7.75 -15.14 2.13
C PHE A 251 6.40 -15.18 2.88
N ALA A 252 5.31 -15.57 2.17
CA ALA A 252 3.97 -15.69 2.74
C ALA A 252 3.95 -16.69 3.92
N LEU A 253 4.64 -17.84 3.82
CA LEU A 253 4.68 -18.81 4.93
C LEU A 253 5.49 -18.30 6.14
N CYS A 254 6.66 -17.69 5.92
CA CYS A 254 7.55 -17.13 6.95
C CYS A 254 6.93 -15.98 7.75
N TYR A 255 6.14 -15.12 7.09
CA TYR A 255 5.54 -13.95 7.70
C TYR A 255 4.15 -14.19 8.23
N LEU A 256 3.55 -15.35 7.90
CA LEU A 256 2.22 -15.67 8.40
C LEU A 256 2.15 -15.76 9.93
N PRO A 257 2.95 -16.60 10.67
CA PRO A 257 2.75 -16.67 12.14
C PRO A 257 2.88 -15.35 12.88
N ILE A 258 3.89 -14.50 12.57
CA ILE A 258 4.07 -13.18 13.22
C ILE A 258 2.90 -12.19 12.89
N SER A 259 2.46 -12.17 11.62
CA SER A 259 1.38 -11.30 11.16
C SER A 259 0.09 -11.63 11.88
N VAL A 260 -0.20 -12.92 12.02
CA VAL A 260 -1.40 -13.41 12.70
C VAL A 260 -1.29 -13.17 14.22
N LEU A 261 -0.12 -13.50 14.85
CA LEU A 261 0.05 -13.28 16.29
C LEU A 261 -0.14 -11.82 16.67
N ASN A 262 0.39 -10.90 15.85
CA ASN A 262 0.23 -9.46 16.08
C ASN A 262 -1.24 -9.00 16.01
N VAL A 263 -2.05 -9.57 15.09
CA VAL A 263 -3.48 -9.28 14.96
C VAL A 263 -4.23 -9.88 16.18
N LEU A 264 -4.00 -11.16 16.49
CA LEU A 264 -4.64 -11.80 17.62
C LEU A 264 -4.38 -11.03 18.92
N LYS A 265 -3.15 -10.53 19.11
CA LYS A 265 -2.76 -9.74 20.28
C LYS A 265 -3.38 -8.33 20.31
N ARG A 266 -3.15 -7.56 19.25
CA ARG A 266 -3.56 -6.16 19.19
C ARG A 266 -4.98 -5.86 18.77
N VAL A 267 -5.61 -6.74 17.99
CA VAL A 267 -6.97 -6.52 17.54
C VAL A 267 -7.95 -7.36 18.35
N PHE A 268 -7.57 -8.58 18.75
CA PHE A 268 -8.45 -9.50 19.46
C PHE A 268 -8.14 -9.60 20.96
N GLY A 269 -7.23 -8.79 21.45
CA GLY A 269 -6.88 -8.76 22.87
C GLY A 269 -6.45 -10.08 23.46
N MET A 270 -5.84 -10.94 22.65
CA MET A 270 -5.40 -12.25 23.12
C MET A 270 -4.05 -12.17 23.84
N PHE A 271 -3.71 -13.27 24.54
CA PHE A 271 -2.46 -13.49 25.27
C PHE A 271 -2.25 -12.56 26.46
N ARG A 272 -3.33 -12.00 27.02
CA ARG A 272 -3.23 -11.15 28.21
C ARG A 272 -3.16 -11.96 29.53
N GLN A 273 -3.65 -13.23 29.58
CA GLN A 273 -3.55 -14.09 30.80
C GLN A 273 -2.16 -14.73 30.88
N ALA A 274 -1.58 -14.78 32.09
CA ALA A 274 -0.23 -15.30 32.33
C ALA A 274 -0.15 -16.75 32.82
N SER A 275 -1.24 -17.55 32.67
CA SER A 275 -1.31 -18.96 33.10
C SER A 275 -0.20 -19.78 32.43
N ASP A 276 -0.06 -19.64 31.10
CA ASP A 276 0.98 -20.29 30.33
C ASP A 276 1.70 -19.24 29.42
N ARG A 277 2.32 -18.28 30.12
CA ARG A 277 3.14 -17.18 29.65
C ARG A 277 4.28 -17.74 28.78
N GLU A 278 4.89 -18.88 29.21
CA GLU A 278 5.98 -19.52 28.47
C GLU A 278 5.54 -20.06 27.10
N ALA A 279 4.29 -20.54 26.99
CA ALA A 279 3.75 -21.01 25.71
C ALA A 279 3.59 -19.83 24.71
N VAL A 280 3.19 -18.63 25.21
CA VAL A 280 3.08 -17.39 24.45
C VAL A 280 4.48 -16.94 23.99
N TYR A 281 5.48 -16.90 24.90
CA TYR A 281 6.87 -16.54 24.56
C TYR A 281 7.45 -17.42 23.44
N ALA A 282 7.20 -18.75 23.50
CA ALA A 282 7.67 -19.74 22.50
C ALA A 282 7.04 -19.53 21.12
N ALA A 283 5.72 -19.26 21.05
CA ALA A 283 5.04 -19.01 19.77
C ALA A 283 5.59 -17.70 19.15
N PHE A 284 5.79 -16.65 19.98
CA PHE A 284 6.34 -15.38 19.52
C PHE A 284 7.79 -15.46 19.11
N THR A 285 8.59 -16.26 19.84
CA THR A 285 10.00 -16.50 19.53
C THR A 285 10.15 -17.22 18.19
N PHE A 286 9.41 -18.32 18.01
CA PHE A 286 9.45 -19.08 16.77
C PHE A 286 9.03 -18.19 15.57
N SER A 287 8.00 -17.31 15.78
CA SER A 287 7.48 -16.38 14.77
CA SER A 287 7.50 -16.41 14.74
C SER A 287 8.51 -15.33 14.36
N HIS A 288 9.27 -14.79 15.36
CA HIS A 288 10.34 -13.81 15.13
C HIS A 288 11.47 -14.50 14.36
N TRP A 289 11.84 -15.75 14.78
CA TRP A 289 12.88 -16.52 14.11
C TRP A 289 12.52 -16.83 12.61
N LEU A 290 11.23 -17.07 12.30
CA LEU A 290 10.78 -17.36 10.94
C LEU A 290 10.99 -16.18 10.00
N VAL A 291 10.89 -14.94 10.53
CA VAL A 291 11.13 -13.70 9.79
C VAL A 291 12.61 -13.68 9.34
N TYR A 292 13.53 -13.97 10.26
CA TYR A 292 14.97 -14.01 9.96
C TYR A 292 15.34 -15.22 9.08
N ALA A 293 14.63 -16.35 9.26
CA ALA A 293 14.85 -17.56 8.45
C ALA A 293 14.56 -17.25 6.98
N ASN A 294 13.65 -16.26 6.73
CA ASN A 294 13.32 -15.84 5.37
C ASN A 294 14.53 -15.22 4.65
N SER A 295 15.31 -14.34 5.33
CA SER A 295 16.55 -13.73 4.82
C SER A 295 17.55 -14.79 4.42
N ALA A 296 17.61 -15.91 5.18
CA ALA A 296 18.51 -17.02 4.91
C ALA A 296 18.01 -17.87 3.74
N ALA A 297 16.68 -18.04 3.63
CA ALA A 297 15.98 -18.83 2.61
C ALA A 297 16.14 -18.28 1.19
N ASN A 298 15.98 -16.97 0.99
CA ASN A 298 16.00 -16.37 -0.36
C ASN A 298 17.27 -16.72 -1.17
N PRO A 299 18.53 -16.53 -0.68
CA PRO A 299 19.69 -16.96 -1.48
C PRO A 299 19.77 -18.48 -1.71
N ILE A 300 19.19 -19.30 -0.82
CA ILE A 300 19.16 -20.76 -0.98
C ILE A 300 18.18 -21.13 -2.14
N ILE A 301 17.06 -20.38 -2.25
CA ILE A 301 16.08 -20.56 -3.33
C ILE A 301 16.72 -20.23 -4.70
N TYR A 302 17.54 -19.16 -4.79
CA TYR A 302 18.20 -18.75 -6.04
C TYR A 302 19.23 -19.77 -6.46
N ASN A 303 19.79 -20.48 -5.48
CA ASN A 303 20.79 -21.52 -5.72
C ASN A 303 20.18 -22.70 -6.51
N PHE A 304 19.02 -23.22 -6.08
CA PHE A 304 18.37 -24.36 -6.73
C PHE A 304 17.46 -24.02 -7.90
N LEU A 305 16.86 -22.81 -7.93
CA LEU A 305 15.91 -22.48 -8.99
C LEU A 305 16.41 -21.47 -10.06
N SER A 306 17.71 -21.15 -9.99
CA SER A 306 18.39 -20.29 -10.96
C SER A 306 19.75 -20.88 -11.21
N GLY A 307 19.98 -21.35 -12.44
CA GLY A 307 21.25 -21.92 -12.86
C GLY A 307 22.36 -20.88 -12.91
N LYS A 308 21.96 -19.65 -13.20
CA LYS A 308 22.81 -18.47 -13.25
C LYS A 308 23.30 -18.08 -11.84
N PHE A 309 22.41 -18.04 -10.83
CA PHE A 309 22.84 -17.74 -9.46
C PHE A 309 23.67 -18.91 -8.91
N ARG A 310 23.29 -20.16 -9.30
CA ARG A 310 23.99 -21.40 -8.95
C ARG A 310 25.46 -21.36 -9.40
N GLU A 311 25.74 -20.83 -10.63
CA GLU A 311 27.11 -20.73 -11.16
C GLU A 311 27.98 -19.80 -10.30
N GLN A 312 27.49 -18.56 -10.09
CA GLN A 312 28.14 -17.52 -9.28
C GLN A 312 28.38 -18.00 -7.84
N PHE A 313 27.41 -18.75 -7.24
CA PHE A 313 27.55 -19.29 -5.88
C PHE A 313 28.61 -20.39 -5.84
N LYS A 314 28.60 -21.31 -6.84
CA LYS A 314 29.57 -22.39 -7.02
C LYS A 314 30.98 -21.82 -7.22
N ALA A 315 31.09 -20.64 -7.90
CA ALA A 315 32.36 -19.95 -8.12
C ALA A 315 32.86 -19.30 -6.81
N ALA A 316 31.93 -18.87 -5.94
CA ALA A 316 32.24 -18.26 -4.65
C ALA A 316 32.83 -19.28 -3.67
N PHE A 317 32.23 -20.49 -3.60
CA PHE A 317 32.71 -21.57 -2.74
C PHE A 317 34.01 -22.18 -3.27
N SER A 318 34.31 -22.00 -4.57
CA SER A 318 35.54 -22.46 -5.21
C SER A 318 36.69 -21.50 -4.88
N TRP A 319 36.38 -20.18 -4.76
CA TRP A 319 37.35 -19.13 -4.47
C TRP A 319 37.75 -19.04 -2.99
N TRP A 320 36.86 -18.48 -2.14
CA TRP A 320 37.12 -18.28 -0.71
C TRP A 320 37.19 -19.58 0.10
N LEU A 321 36.58 -20.68 -0.39
CA LEU A 321 36.62 -21.97 0.30
C LEU A 321 37.26 -23.06 -0.57
N TYR B 15 -39.35 2.04 -9.19
CA TYR B 15 -40.06 2.99 -10.09
C TYR B 15 -39.18 3.32 -11.29
N LEU B 16 -39.70 4.09 -12.24
CA LEU B 16 -38.96 4.50 -13.46
C LEU B 16 -37.76 5.36 -13.07
N TYR B 17 -37.98 6.27 -12.12
CA TYR B 17 -36.99 7.24 -11.55
C TYR B 17 -37.54 7.69 -10.19
N PRO B 18 -36.76 8.33 -9.07
CA PRO B 18 -37.13 8.79 -7.72
C PRO B 18 -38.26 9.83 -7.69
N LYS B 19 -39.06 9.85 -6.62
CA LYS B 19 -40.24 10.73 -6.46
C LYS B 19 -40.08 12.27 -6.51
N GLN B 20 -39.36 12.90 -5.55
CA GLN B 20 -39.01 14.33 -5.61
C GLN B 20 -37.53 14.55 -5.94
N TYR B 21 -36.71 13.56 -5.58
CA TYR B 21 -35.25 13.51 -5.72
C TYR B 21 -34.72 13.65 -7.17
N ALA B 22 -35.38 12.99 -8.15
CA ALA B 22 -35.01 12.88 -9.58
C ALA B 22 -34.46 14.15 -10.26
N TRP B 23 -35.21 15.27 -10.29
CA TRP B 23 -34.80 16.54 -10.92
C TRP B 23 -33.54 17.14 -10.26
N VAL B 24 -33.49 17.16 -8.90
CA VAL B 24 -32.35 17.67 -8.13
C VAL B 24 -31.12 16.81 -8.44
N LEU B 25 -31.35 15.49 -8.57
CA LEU B 25 -30.32 14.51 -8.85
C LEU B 25 -29.70 14.69 -10.24
N ILE B 26 -30.52 14.86 -11.27
CA ILE B 26 -30.08 15.08 -12.64
C ILE B 26 -29.28 16.40 -12.71
N ALA B 27 -29.86 17.51 -12.18
CA ALA B 27 -29.24 18.86 -12.15
C ALA B 27 -27.91 18.91 -11.40
N ALA B 28 -27.81 18.23 -10.23
CA ALA B 28 -26.59 18.18 -9.42
C ALA B 28 -25.51 17.41 -10.13
N TYR B 29 -25.89 16.35 -10.87
CA TYR B 29 -24.96 15.52 -11.65
C TYR B 29 -24.48 16.26 -12.90
N VAL B 30 -25.37 17.04 -13.57
CA VAL B 30 -25.02 17.77 -14.80
C VAL B 30 -24.11 18.96 -14.45
N ALA B 31 -24.40 19.69 -13.35
CA ALA B 31 -23.58 20.81 -12.87
C ALA B 31 -22.18 20.30 -12.48
N VAL B 32 -22.11 19.13 -11.81
CA VAL B 32 -20.81 18.57 -11.42
C VAL B 32 -20.02 18.14 -12.67
N PHE B 33 -20.71 17.51 -13.65
CA PHE B 33 -20.10 17.11 -14.91
C PHE B 33 -19.50 18.34 -15.66
N VAL B 34 -20.25 19.46 -15.75
CA VAL B 34 -19.78 20.68 -16.43
C VAL B 34 -18.59 21.30 -15.69
N VAL B 35 -18.74 21.58 -14.39
CA VAL B 35 -17.71 22.18 -13.55
C VAL B 35 -16.42 21.31 -13.48
N ALA B 36 -16.54 19.97 -13.48
CA ALA B 36 -15.35 19.12 -13.42
C ALA B 36 -14.57 19.05 -14.75
N LEU B 37 -15.25 19.06 -15.91
CA LEU B 37 -14.58 19.05 -17.22
C LEU B 37 -13.87 20.37 -17.45
N VAL B 38 -14.60 21.49 -17.26
CA VAL B 38 -14.04 22.84 -17.43
C VAL B 38 -12.87 23.08 -16.46
N GLY B 39 -13.13 22.96 -15.16
CA GLY B 39 -12.14 23.20 -14.10
C GLY B 39 -10.87 22.38 -14.22
N ASN B 40 -10.99 21.05 -14.44
CA ASN B 40 -9.82 20.18 -14.53
C ASN B 40 -9.02 20.36 -15.81
N THR B 41 -9.66 20.75 -16.92
CA THR B 41 -8.92 21.03 -18.15
C THR B 41 -8.13 22.32 -17.94
N LEU B 42 -8.68 23.28 -17.18
CA LEU B 42 -8.01 24.55 -16.86
C LEU B 42 -6.77 24.34 -15.98
N VAL B 43 -6.78 23.30 -15.12
CA VAL B 43 -5.65 22.95 -14.25
C VAL B 43 -4.48 22.53 -15.14
N CYS B 44 -4.75 21.65 -16.14
CA CYS B 44 -3.76 21.16 -17.11
C CYS B 44 -3.21 22.30 -17.96
N LEU B 45 -4.09 23.22 -18.39
CA LEU B 45 -3.71 24.38 -19.18
C LEU B 45 -2.87 25.39 -18.39
N ALA B 46 -3.23 25.67 -17.11
CA ALA B 46 -2.50 26.59 -16.23
C ALA B 46 -1.04 26.17 -16.08
N VAL B 47 -0.80 24.88 -15.82
CA VAL B 47 0.54 24.31 -15.63
C VAL B 47 1.31 24.28 -16.97
N TRP B 48 0.61 24.03 -18.08
CA TRP B 48 1.21 24.02 -19.40
C TRP B 48 1.60 25.45 -19.81
N ARG B 49 0.70 26.43 -19.60
CA ARG B 49 0.89 27.83 -19.98
C ARG B 49 2.02 28.50 -19.20
N ASN B 50 1.99 28.39 -17.87
CA ASN B 50 2.96 29.02 -16.99
C ASN B 50 4.07 28.05 -16.53
N HIS B 51 5.29 28.21 -17.13
CA HIS B 51 6.48 27.39 -16.86
C HIS B 51 6.94 27.42 -15.39
N HIS B 52 6.68 28.52 -14.65
CA HIS B 52 7.00 28.64 -13.21
C HIS B 52 6.10 27.78 -12.31
N MET B 53 4.95 27.36 -12.82
CA MET B 53 4.01 26.51 -12.10
C MET B 53 4.35 25.03 -12.28
N ARG B 54 5.40 24.71 -13.07
CA ARG B 54 5.82 23.33 -13.32
C ARG B 54 6.67 22.76 -12.19
N THR B 55 6.05 22.59 -11.02
CA THR B 55 6.67 22.05 -9.82
C THR B 55 6.21 20.61 -9.66
N VAL B 56 6.85 19.88 -8.72
CA VAL B 56 6.52 18.49 -8.40
C VAL B 56 5.05 18.37 -7.99
N THR B 57 4.62 19.20 -7.01
CA THR B 57 3.25 19.28 -6.50
C THR B 57 2.25 19.48 -7.62
N ASN B 58 2.50 20.48 -8.50
CA ASN B 58 1.56 20.82 -9.57
C ASN B 58 1.46 19.76 -10.66
N TYR B 59 2.55 19.03 -10.98
CA TYR B 59 2.53 17.92 -11.94
C TYR B 59 1.64 16.80 -11.34
N PHE B 60 1.79 16.54 -10.03
CA PHE B 60 0.93 15.61 -9.32
C PHE B 60 -0.52 16.10 -9.31
N LEU B 61 -0.77 17.42 -9.10
CA LEU B 61 -2.14 17.97 -9.16
C LEU B 61 -2.73 17.79 -10.56
N VAL B 62 -1.90 17.96 -11.63
CA VAL B 62 -2.31 17.70 -13.01
C VAL B 62 -2.72 16.21 -13.13
N ASN B 63 -1.95 15.28 -12.56
CA ASN B 63 -2.31 13.85 -12.56
C ASN B 63 -3.68 13.56 -11.86
N LEU B 64 -3.96 14.26 -10.74
CA LEU B 64 -5.22 14.20 -10.00
C LEU B 64 -6.37 14.71 -10.91
N SER B 65 -6.12 15.77 -11.71
CA SER B 65 -7.10 16.27 -12.69
C SER B 65 -7.33 15.27 -13.85
N LEU B 66 -6.31 14.44 -14.21
CA LEU B 66 -6.44 13.41 -15.25
C LEU B 66 -7.35 12.29 -14.76
N ALA B 67 -7.10 11.79 -13.53
CA ALA B 67 -7.92 10.79 -12.83
C ALA B 67 -9.38 11.30 -12.66
N ASP B 68 -9.55 12.59 -12.37
CA ASP B 68 -10.86 13.19 -12.20
C ASP B 68 -11.62 13.33 -13.53
N VAL B 69 -10.90 13.66 -14.64
CA VAL B 69 -11.49 13.71 -15.99
C VAL B 69 -11.95 12.31 -16.44
N LEU B 70 -11.17 11.24 -16.14
CA LEU B 70 -11.53 9.85 -16.47
C LEU B 70 -12.89 9.48 -15.85
N ALA B 71 -13.03 9.73 -14.53
CA ALA B 71 -14.25 9.47 -13.78
C ALA B 71 -15.41 10.40 -14.21
N THR B 72 -15.14 11.67 -14.51
CA THR B 72 -16.21 12.60 -14.90
C THR B 72 -16.78 12.28 -16.29
N ALA B 73 -15.89 12.08 -17.25
CA ALA B 73 -16.28 11.85 -18.63
C ALA B 73 -17.01 10.52 -18.85
N ILE B 74 -16.43 9.42 -18.35
CA ILE B 74 -16.93 8.06 -18.58
C ILE B 74 -17.85 7.55 -17.47
N CYS B 75 -17.42 7.65 -16.23
CA CYS B 75 -18.14 7.05 -15.11
C CYS B 75 -19.35 7.82 -14.63
N LEU B 76 -19.27 9.14 -14.54
CA LEU B 76 -20.37 9.96 -14.03
C LEU B 76 -21.68 9.73 -14.84
N PRO B 77 -21.70 9.78 -16.22
CA PRO B 77 -22.96 9.50 -16.96
C PRO B 77 -23.54 8.10 -16.70
N ALA B 78 -22.69 7.05 -16.64
CA ALA B 78 -23.15 5.69 -16.34
C ALA B 78 -23.78 5.65 -14.92
N SER B 79 -23.13 6.30 -13.94
CA SER B 79 -23.61 6.38 -12.56
C SER B 79 -24.89 7.18 -12.42
N LEU B 80 -25.03 8.30 -13.16
CA LEU B 80 -26.27 9.08 -13.15
C LEU B 80 -27.44 8.20 -13.70
N LEU B 81 -27.23 7.51 -14.85
CA LEU B 81 -28.26 6.68 -15.46
C LEU B 81 -28.65 5.49 -14.57
N VAL B 82 -27.66 4.88 -13.87
CA VAL B 82 -27.90 3.78 -12.91
C VAL B 82 -28.69 4.30 -11.70
N ASP B 83 -28.30 5.45 -11.14
CA ASP B 83 -28.99 6.03 -9.98
C ASP B 83 -30.46 6.41 -10.26
N ILE B 84 -30.77 6.92 -11.46
CA ILE B 84 -32.16 7.33 -11.77
C ILE B 84 -33.06 6.19 -12.26
N THR B 85 -32.50 5.16 -12.95
CA THR B 85 -33.30 4.05 -13.50
C THR B 85 -33.23 2.81 -12.62
N GLU B 86 -32.21 2.71 -11.76
CA GLU B 86 -31.94 1.56 -10.87
C GLU B 86 -31.59 0.29 -11.70
N SER B 87 -31.18 0.49 -12.98
CA SER B 87 -30.82 -0.60 -13.89
C SER B 87 -29.55 -0.28 -14.68
N TRP B 88 -28.86 -1.34 -15.19
CA TRP B 88 -27.67 -1.20 -16.03
C TRP B 88 -28.10 -1.41 -17.47
N LEU B 89 -28.03 -0.34 -18.27
CA LEU B 89 -28.48 -0.38 -19.67
C LEU B 89 -27.37 -0.47 -20.70
N PHE B 90 -26.09 -0.65 -20.30
CA PHE B 90 -24.96 -0.63 -21.24
C PHE B 90 -24.36 -1.98 -21.68
N GLY B 91 -24.89 -3.10 -21.20
CA GLY B 91 -24.37 -4.40 -21.61
C GLY B 91 -23.25 -4.97 -20.76
N HIS B 92 -22.87 -6.23 -21.08
CA HIS B 92 -21.85 -7.00 -20.38
CA HIS B 92 -21.84 -6.99 -20.36
C HIS B 92 -20.45 -6.34 -20.39
N ALA B 93 -19.95 -5.95 -21.55
CA ALA B 93 -18.62 -5.36 -21.73
C ALA B 93 -18.38 -4.08 -20.92
N LEU B 94 -19.36 -3.16 -20.91
CA LEU B 94 -19.26 -1.90 -20.18
C LEU B 94 -19.52 -2.07 -18.68
N CYS B 95 -20.17 -3.18 -18.29
CA CYS B 95 -20.38 -3.52 -16.87
C CYS B 95 -19.03 -3.87 -16.22
N LYS B 96 -18.10 -4.38 -17.01
CA LYS B 96 -16.78 -4.67 -16.49
C LYS B 96 -15.86 -3.43 -16.51
N VAL B 97 -15.86 -2.69 -17.63
CA VAL B 97 -15.01 -1.53 -17.99
C VAL B 97 -15.27 -0.29 -17.13
N ILE B 98 -16.50 0.20 -17.08
CA ILE B 98 -16.85 1.44 -16.38
C ILE B 98 -16.58 1.29 -14.87
N PRO B 99 -17.09 0.29 -14.12
CA PRO B 99 -16.69 0.16 -12.71
C PRO B 99 -15.18 -0.01 -12.50
N TYR B 100 -14.49 -0.71 -13.43
CA TYR B 100 -13.03 -0.88 -13.38
C TYR B 100 -12.34 0.51 -13.45
N LEU B 101 -12.78 1.37 -14.38
CA LEU B 101 -12.22 2.71 -14.59
C LEU B 101 -12.51 3.64 -13.42
N GLN B 102 -13.68 3.47 -12.79
CA GLN B 102 -14.02 4.21 -11.59
C GLN B 102 -13.07 3.82 -10.44
N ALA B 103 -12.82 2.50 -10.26
CA ALA B 103 -11.90 2.00 -9.24
C ALA B 103 -10.46 2.48 -9.51
N VAL B 104 -10.06 2.50 -10.79
CA VAL B 104 -8.74 2.98 -11.23
C VAL B 104 -8.62 4.48 -10.89
N SER B 105 -9.66 5.24 -11.18
CA SER B 105 -9.73 6.68 -10.89
C SER B 105 -9.49 6.95 -9.41
N VAL B 106 -10.14 6.18 -8.54
CA VAL B 106 -10.01 6.26 -7.09
C VAL B 106 -8.54 5.96 -6.66
N SER B 107 -7.97 4.86 -7.13
CA SER B 107 -6.58 4.46 -6.79
C SER B 107 -5.56 5.54 -7.23
N VAL B 108 -5.66 6.02 -8.49
CA VAL B 108 -4.81 7.07 -9.04
C VAL B 108 -4.88 8.34 -8.18
N ALA B 109 -6.11 8.81 -7.87
CA ALA B 109 -6.37 9.98 -7.04
C ALA B 109 -5.71 9.87 -5.64
N VAL B 110 -5.96 8.76 -4.91
CA VAL B 110 -5.44 8.58 -3.56
C VAL B 110 -3.90 8.38 -3.58
N LEU B 111 -3.36 7.63 -4.59
CA LEU B 111 -1.90 7.45 -4.69
C LEU B 111 -1.20 8.76 -5.06
N THR B 112 -1.85 9.61 -5.89
CA THR B 112 -1.30 10.93 -6.28
C THR B 112 -1.21 11.81 -5.02
N LEU B 113 -2.29 11.86 -4.22
CA LEU B 113 -2.33 12.63 -2.97
C LEU B 113 -1.27 12.12 -1.97
N SER B 114 -1.05 10.79 -1.95
CA SER B 114 -0.04 10.17 -1.07
C SER B 114 1.38 10.63 -1.44
N PHE B 115 1.69 10.64 -2.74
CA PHE B 115 2.96 11.04 -3.33
C PHE B 115 3.24 12.52 -3.12
N ILE B 116 2.20 13.40 -3.18
CA ILE B 116 2.34 14.83 -2.88
C ILE B 116 2.76 14.99 -1.42
N ALA B 117 2.07 14.29 -0.50
CA ALA B 117 2.28 14.29 0.95
C ALA B 117 3.69 13.83 1.27
N LEU B 118 4.17 12.75 0.61
CA LEU B 118 5.51 12.17 0.72
C LEU B 118 6.61 13.16 0.25
N ASP B 119 6.35 13.89 -0.88
CA ASP B 119 7.26 14.90 -1.41
C ASP B 119 7.35 16.07 -0.41
N ARG B 120 6.20 16.54 0.09
CA ARG B 120 6.18 17.65 1.05
C ARG B 120 6.81 17.29 2.37
N TRP B 121 6.59 16.05 2.82
CA TRP B 121 7.11 15.57 4.08
C TRP B 121 8.64 15.48 4.06
N TYR B 122 9.21 14.93 2.99
CA TYR B 122 10.67 14.88 2.84
C TYR B 122 11.27 16.28 2.65
N ALA B 123 10.65 17.14 1.82
CA ALA B 123 11.18 18.49 1.56
C ALA B 123 11.23 19.43 2.77
N ILE B 124 10.26 19.30 3.69
CA ILE B 124 10.09 20.15 4.86
C ILE B 124 10.60 19.51 6.16
N CYS B 125 10.24 18.25 6.42
CA CYS B 125 10.58 17.58 7.67
C CYS B 125 11.89 16.83 7.63
N HIS B 126 12.23 16.20 6.50
CA HIS B 126 13.48 15.43 6.39
C HIS B 126 14.25 15.78 5.11
N PRO B 127 14.72 17.05 4.97
CA PRO B 127 15.40 17.42 3.70
C PRO B 127 16.76 16.77 3.51
N LEU B 128 17.20 16.73 2.24
CA LEU B 128 18.50 16.22 1.78
C LEU B 128 18.67 14.69 1.89
N LEU B 129 17.56 13.94 1.95
CA LEU B 129 17.62 12.47 1.96
C LEU B 129 17.37 11.95 0.53
N PHE B 130 16.24 12.37 -0.08
CA PHE B 130 15.85 12.00 -1.43
C PHE B 130 15.70 13.26 -2.31
N LYS B 131 16.18 13.20 -3.57
CA LYS B 131 16.05 14.33 -4.52
C LYS B 131 14.73 14.20 -5.28
N SER B 132 13.91 15.26 -5.29
CA SER B 132 12.64 15.25 -6.00
C SER B 132 12.62 16.27 -7.12
N THR B 133 12.72 15.79 -8.35
CA THR B 133 12.71 16.64 -9.53
C THR B 133 11.41 16.43 -10.32
N ALA B 134 11.01 17.42 -11.15
CA ALA B 134 9.86 17.40 -12.04
C ALA B 134 9.88 16.17 -12.97
N ARG B 135 11.08 15.78 -13.43
CA ARG B 135 11.36 14.63 -14.28
C ARG B 135 11.09 13.31 -13.52
N ARG B 136 11.49 13.24 -12.23
CA ARG B 136 11.26 12.08 -11.36
C ARG B 136 9.78 11.96 -10.99
N ALA B 137 9.05 13.10 -11.02
CA ALA B 137 7.62 13.14 -10.76
C ALA B 137 6.85 12.48 -11.93
N LEU B 138 7.30 12.65 -13.19
CA LEU B 138 6.66 12.00 -14.35
C LEU B 138 6.79 10.46 -14.31
N GLY B 139 7.90 9.98 -13.71
CA GLY B 139 8.17 8.56 -13.51
C GLY B 139 7.28 8.01 -12.40
N SER B 140 7.12 8.78 -11.30
CA SER B 140 6.22 8.44 -10.19
C SER B 140 4.80 8.36 -10.73
N ILE B 141 4.37 9.37 -11.51
CA ILE B 141 3.05 9.46 -12.15
C ILE B 141 2.75 8.21 -13.01
N LEU B 142 3.72 7.78 -13.84
CA LEU B 142 3.57 6.60 -14.70
C LEU B 142 3.39 5.32 -13.90
N GLY B 143 4.12 5.22 -12.79
CA GLY B 143 4.05 4.10 -11.85
C GLY B 143 2.74 4.02 -11.10
N ILE B 144 2.10 5.21 -10.80
CA ILE B 144 0.80 5.33 -10.12
C ILE B 144 -0.27 4.69 -11.03
N TRP B 145 -0.24 5.01 -12.36
CA TRP B 145 -1.12 4.44 -13.38
C TRP B 145 -0.90 2.94 -13.54
N ALA B 146 0.37 2.47 -13.59
CA ALA B 146 0.71 1.05 -13.75
C ALA B 146 0.18 0.23 -12.55
N VAL B 147 0.38 0.74 -11.31
CA VAL B 147 -0.11 0.07 -10.08
C VAL B 147 -1.65 0.04 -10.07
N SER B 148 -2.30 1.19 -10.28
CA SER B 148 -3.74 1.35 -10.24
C SER B 148 -4.46 0.54 -11.28
N LEU B 149 -3.93 0.48 -12.51
CA LEU B 149 -4.56 -0.29 -13.58
C LEU B 149 -4.51 -1.81 -13.24
N ALA B 150 -3.43 -2.25 -12.56
CA ALA B 150 -3.20 -3.63 -12.12
C ALA B 150 -4.02 -4.09 -10.89
N ILE B 151 -4.03 -3.30 -9.81
CA ILE B 151 -4.69 -3.70 -8.55
C ILE B 151 -6.21 -3.63 -8.63
N MET B 152 -6.76 -3.00 -9.69
CA MET B 152 -8.19 -2.90 -9.85
C MET B 152 -8.78 -3.95 -10.80
N VAL B 153 -7.92 -4.87 -11.32
CA VAL B 153 -8.32 -6.00 -12.19
C VAL B 153 -9.27 -6.95 -11.39
N PRO B 154 -9.01 -7.32 -10.10
CA PRO B 154 -10.00 -8.16 -9.36
C PRO B 154 -11.42 -7.56 -9.35
N GLN B 155 -11.54 -6.22 -9.23
CA GLN B 155 -12.80 -5.47 -9.27
C GLN B 155 -13.54 -5.73 -10.56
N ALA B 156 -12.83 -5.68 -11.71
CA ALA B 156 -13.37 -5.91 -13.05
C ALA B 156 -13.81 -7.39 -13.19
N ALA B 157 -13.00 -8.33 -12.66
CA ALA B 157 -13.31 -9.76 -12.69
C ALA B 157 -14.62 -10.12 -11.97
N VAL B 158 -14.99 -9.42 -10.86
CA VAL B 158 -16.24 -9.73 -10.14
C VAL B 158 -17.50 -9.07 -10.74
N MET B 159 -17.37 -8.05 -11.62
CA MET B 159 -18.56 -7.38 -12.16
C MET B 159 -19.30 -8.26 -13.15
N GLU B 160 -20.59 -8.44 -12.91
CA GLU B 160 -21.45 -9.22 -13.78
C GLU B 160 -22.76 -8.46 -13.90
N CYS B 161 -23.36 -8.57 -15.07
CA CYS B 161 -24.64 -7.95 -15.37
C CYS B 161 -25.66 -9.08 -15.39
N SER B 162 -26.75 -8.95 -14.62
CA SER B 162 -27.79 -9.98 -14.52
C SER B 162 -29.17 -9.34 -14.37
N SER B 163 -30.20 -10.02 -14.91
CA SER B 163 -31.58 -9.56 -14.84
C SER B 163 -32.32 -10.22 -13.68
N VAL B 164 -33.49 -9.64 -13.29
CA VAL B 164 -34.35 -10.11 -12.20
C VAL B 164 -34.78 -11.60 -12.43
N LEU B 165 -34.82 -12.03 -13.72
CA LEU B 165 -35.08 -13.40 -14.16
C LEU B 165 -34.00 -13.43 -15.25
N PRO B 166 -32.93 -14.27 -15.13
CA PRO B 166 -31.92 -14.41 -16.22
C PRO B 166 -32.35 -14.41 -17.70
N GLU B 167 -33.33 -15.22 -18.17
CA GLU B 167 -33.68 -15.23 -19.59
C GLU B 167 -34.50 -13.97 -20.09
N LEU B 168 -34.84 -13.05 -19.17
CA LEU B 168 -35.52 -11.79 -19.44
C LEU B 168 -34.52 -10.83 -20.13
N ALA B 169 -33.21 -11.03 -19.86
CA ALA B 169 -32.08 -10.30 -20.46
C ALA B 169 -32.09 -10.40 -22.01
N ALA B 170 -32.60 -11.50 -22.56
CA ALA B 170 -32.69 -11.72 -24.00
C ALA B 170 -33.75 -10.85 -24.67
N ARG B 171 -34.53 -10.05 -23.89
CA ARG B 171 -35.61 -9.21 -24.44
C ARG B 171 -35.37 -7.75 -24.20
N THR B 172 -34.78 -7.45 -23.05
CA THR B 172 -34.53 -6.08 -22.63
C THR B 172 -33.41 -6.08 -21.59
N ARG B 173 -32.80 -4.92 -21.38
CA ARG B 173 -31.78 -4.72 -20.35
C ARG B 173 -32.41 -3.91 -19.22
N ALA B 174 -33.71 -3.54 -19.36
CA ALA B 174 -34.44 -2.70 -18.40
C ALA B 174 -34.53 -3.27 -16.97
N PHE B 175 -34.43 -4.61 -16.81
CA PHE B 175 -34.50 -5.25 -15.49
C PHE B 175 -33.14 -5.84 -15.10
N SER B 176 -32.07 -5.35 -15.78
CA SER B 176 -30.69 -5.77 -15.54
C SER B 176 -29.97 -4.88 -14.55
N VAL B 177 -28.99 -5.46 -13.87
CA VAL B 177 -28.20 -4.76 -12.85
C VAL B 177 -26.72 -5.14 -12.99
N CYS B 178 -25.81 -4.20 -12.77
CA CYS B 178 -24.37 -4.48 -12.82
C CYS B 178 -23.93 -4.57 -11.39
N ASP B 179 -23.48 -5.73 -10.96
CA ASP B 179 -23.05 -5.89 -9.58
C ASP B 179 -21.93 -6.91 -9.49
N GLU B 180 -21.33 -7.03 -8.32
CA GLU B 180 -20.24 -7.96 -8.05
C GLU B 180 -20.84 -9.34 -7.84
N ARG B 181 -20.20 -10.36 -8.40
CA ARG B 181 -20.61 -11.76 -8.28
C ARG B 181 -19.60 -12.46 -7.41
N TRP B 182 -20.04 -12.99 -6.26
CA TRP B 182 -19.15 -13.71 -5.34
C TRP B 182 -19.65 -15.14 -5.12
N ALA B 183 -18.77 -16.13 -5.33
CA ALA B 183 -19.04 -17.55 -5.12
C ALA B 183 -19.37 -17.83 -3.64
N ASP B 184 -18.61 -17.22 -2.71
CA ASP B 184 -18.82 -17.41 -1.27
C ASP B 184 -19.01 -16.09 -0.53
N ASP B 185 -19.41 -16.16 0.76
CA ASP B 185 -19.68 -15.06 1.69
C ASP B 185 -18.41 -14.45 2.32
N LEU B 186 -17.30 -15.21 2.35
CA LEU B 186 -16.05 -14.76 2.94
C LEU B 186 -15.22 -13.88 1.99
N ALA B 187 -15.05 -14.27 0.70
CA ALA B 187 -14.30 -13.46 -0.29
C ALA B 187 -14.72 -11.98 -0.37
N PRO B 188 -16.04 -11.59 -0.45
CA PRO B 188 -16.38 -10.14 -0.47
C PRO B 188 -16.01 -9.41 0.81
N LYS B 189 -16.04 -10.10 1.96
CA LYS B 189 -15.65 -9.54 3.27
C LYS B 189 -14.13 -9.17 3.31
N ILE B 190 -13.25 -10.11 2.87
CA ILE B 190 -11.80 -9.87 2.82
C ILE B 190 -11.48 -8.75 1.84
N TYR B 191 -11.99 -8.86 0.59
CA TYR B 191 -11.78 -7.92 -0.48
C TYR B 191 -12.19 -6.51 -0.10
N HIS B 192 -13.43 -6.33 0.38
CA HIS B 192 -13.92 -5.00 0.71
C HIS B 192 -13.24 -4.38 1.94
N SER B 193 -12.67 -5.21 2.85
CA SER B 193 -11.88 -4.72 4.01
C SER B 193 -10.52 -4.21 3.47
N CYS B 194 -9.86 -4.98 2.55
CA CYS B 194 -8.60 -4.56 1.89
C CYS B 194 -8.82 -3.31 1.09
N PHE B 195 -9.89 -3.27 0.26
CA PHE B 195 -10.21 -2.11 -0.55
C PHE B 195 -10.35 -0.84 0.29
N PHE B 196 -11.10 -0.90 1.39
CA PHE B 196 -11.30 0.25 2.25
C PHE B 196 -10.02 0.77 2.90
N ILE B 197 -9.17 -0.14 3.38
CA ILE B 197 -7.91 0.21 4.04
C ILE B 197 -6.88 0.72 3.05
N VAL B 198 -6.78 0.07 1.89
CA VAL B 198 -5.79 0.40 0.87
C VAL B 198 -6.09 1.74 0.14
N THR B 199 -7.35 1.96 -0.23
CA THR B 199 -7.74 3.13 -1.00
C THR B 199 -8.24 4.29 -0.14
N TYR B 200 -8.48 4.05 1.16
CA TYR B 200 -9.04 5.11 1.98
C TYR B 200 -8.36 5.28 3.34
N LEU B 201 -8.56 4.34 4.28
CA LEU B 201 -8.08 4.51 5.64
C LEU B 201 -6.56 4.68 5.80
N ALA B 202 -5.74 3.69 5.34
CA ALA B 202 -4.28 3.75 5.46
C ALA B 202 -3.65 4.98 4.79
N PRO B 203 -3.92 5.31 3.50
CA PRO B 203 -3.26 6.50 2.93
C PRO B 203 -3.69 7.81 3.57
N LEU B 204 -4.99 7.95 3.90
CA LEU B 204 -5.51 9.18 4.51
C LEU B 204 -5.03 9.37 5.96
N GLY B 205 -4.88 8.29 6.73
CA GLY B 205 -4.35 8.34 8.10
C GLY B 205 -2.89 8.75 8.08
N LEU B 206 -2.12 8.17 7.14
CA LEU B 206 -0.72 8.52 6.93
C LEU B 206 -0.54 9.98 6.47
N MET B 207 -1.34 10.44 5.51
CA MET B 207 -1.29 11.82 4.99
C MET B 207 -1.63 12.85 6.10
N ALA B 208 -2.64 12.56 6.96
CA ALA B 208 -3.07 13.41 8.07
C ALA B 208 -1.91 13.53 9.08
N MET B 209 -1.19 12.41 9.33
CA MET B 209 -0.02 12.44 10.21
C MET B 209 1.14 13.20 9.53
N ALA B 210 1.32 13.04 8.20
CA ALA B 210 2.35 13.78 7.46
C ALA B 210 2.12 15.30 7.55
N TYR B 211 0.86 15.76 7.28
CA TYR B 211 0.47 17.17 7.29
C TYR B 211 0.46 17.78 8.67
N PHE B 212 0.24 16.97 9.73
CA PHE B 212 0.35 17.43 11.10
C PHE B 212 1.85 17.75 11.41
N GLN B 213 2.79 16.90 10.95
CA GLN B 213 4.23 17.14 11.13
C GLN B 213 4.69 18.35 10.29
N ILE B 214 4.13 18.51 9.06
CA ILE B 214 4.42 19.63 8.15
C ILE B 214 3.90 20.93 8.81
N PHE B 215 2.66 20.90 9.37
CA PHE B 215 2.04 22.03 10.05
C PHE B 215 2.92 22.56 11.20
N ARG B 216 3.40 21.65 12.07
CA ARG B 216 4.24 21.95 13.22
C ARG B 216 5.55 22.59 12.78
N LYS B 217 6.13 22.14 11.66
CA LYS B 217 7.36 22.68 11.13
C LYS B 217 7.17 24.08 10.51
N LEU B 218 6.14 24.26 9.66
CA LEU B 218 5.91 25.55 9.01
C LEU B 218 5.30 26.65 9.89
N TRP B 219 4.45 26.26 10.88
CA TRP B 219 3.77 27.20 11.78
C TRP B 219 4.28 27.15 13.21
N GLY B 220 5.31 26.36 13.46
CA GLY B 220 5.93 26.29 14.77
C GLY B 220 6.85 27.47 15.01
N ARG B 221 7.53 27.51 16.16
CA ARG B 221 8.44 28.60 16.44
C ARG B 221 9.64 28.51 15.51
N GLN B 222 10.06 29.66 14.97
CA GLN B 222 11.20 29.71 14.04
C GLN B 222 12.57 29.55 14.76
N ILE B 223 13.42 28.65 14.23
CA ILE B 223 14.78 28.36 14.70
C ILE B 223 15.62 29.65 14.67
N PRO B 224 16.47 29.93 15.70
CA PRO B 224 17.31 31.15 15.68
C PRO B 224 18.22 31.28 14.45
N GLY B 225 18.47 32.54 14.04
CA GLY B 225 19.31 32.90 12.91
C GLY B 225 18.79 32.51 11.53
N THR B 226 17.48 32.69 11.30
CA THR B 226 16.81 32.40 10.02
C THR B 226 17.12 33.51 8.99
N THR B 227 17.53 33.13 7.76
CA THR B 227 17.83 34.09 6.69
C THR B 227 16.50 34.54 6.09
N SER B 228 16.49 35.65 5.31
CA SER B 228 15.27 36.13 4.66
C SER B 228 14.81 35.17 3.55
N ALA B 229 15.77 34.47 2.89
CA ALA B 229 15.52 33.47 1.87
C ALA B 229 14.72 32.30 2.47
N GLU B 230 15.04 31.90 3.73
CA GLU B 230 14.34 30.82 4.44
C GLU B 230 12.97 31.28 4.88
N VAL B 231 12.85 32.57 5.31
CA VAL B 231 11.57 33.18 5.73
C VAL B 231 10.63 33.17 4.53
N LYS B 232 11.14 33.63 3.37
CA LYS B 232 10.47 33.70 2.07
C LYS B 232 10.02 32.30 1.65
N GLN B 233 10.92 31.28 1.76
CA GLN B 233 10.62 29.88 1.42
C GLN B 233 9.51 29.31 2.30
N MET B 234 9.52 29.63 3.60
CA MET B 234 8.52 29.19 4.57
C MET B 234 7.10 29.70 4.24
N ARG B 235 6.98 31.00 3.92
CA ARG B 235 5.73 31.68 3.57
C ARG B 235 5.12 31.09 2.29
N ALA B 236 5.96 30.82 1.27
CA ALA B 236 5.50 30.18 0.02
C ALA B 236 4.99 28.75 0.34
N ARG B 237 5.78 27.95 1.09
CA ARG B 237 5.42 26.59 1.51
C ARG B 237 4.15 26.51 2.36
N ARG B 238 3.87 27.55 3.15
CA ARG B 238 2.68 27.67 4.00
C ARG B 238 1.44 27.80 3.08
N LYS B 239 1.58 28.53 1.96
CA LYS B 239 0.48 28.72 0.99
C LYS B 239 0.11 27.41 0.33
N THR B 240 1.09 26.65 -0.17
CA THR B 240 0.89 25.33 -0.77
C THR B 240 0.36 24.29 0.23
N ALA B 241 0.99 24.20 1.43
CA ALA B 241 0.60 23.27 2.50
C ALA B 241 -0.83 23.47 2.94
N LYS B 242 -1.31 24.75 3.03
CA LYS B 242 -2.69 25.08 3.41
C LYS B 242 -3.62 24.57 2.34
N MET B 243 -3.29 24.83 1.04
CA MET B 243 -4.07 24.37 -0.10
C MET B 243 -4.19 22.84 -0.13
N LEU B 244 -3.06 22.10 -0.01
CA LEU B 244 -2.98 20.63 -0.01
C LEU B 244 -3.75 19.97 1.13
N MET B 245 -3.70 20.56 2.33
CA MET B 245 -4.43 20.07 3.51
C MET B 245 -5.94 20.16 3.26
N VAL B 246 -6.39 21.22 2.55
CA VAL B 246 -7.79 21.43 2.23
C VAL B 246 -8.20 20.40 1.19
N VAL B 247 -7.37 20.16 0.15
CA VAL B 247 -7.58 19.14 -0.88
C VAL B 247 -7.77 17.75 -0.20
N VAL B 248 -6.87 17.39 0.72
CA VAL B 248 -6.93 16.10 1.44
C VAL B 248 -8.16 16.01 2.34
N LEU B 249 -8.50 17.08 3.09
CA LEU B 249 -9.68 17.05 3.95
C LEU B 249 -10.98 16.89 3.12
N VAL B 250 -11.09 17.64 2.02
CA VAL B 250 -12.26 17.59 1.14
C VAL B 250 -12.41 16.21 0.48
N PHE B 251 -11.29 15.56 0.12
CA PHE B 251 -11.24 14.21 -0.45
C PHE B 251 -11.69 13.16 0.63
N ALA B 252 -11.18 13.28 1.88
CA ALA B 252 -11.59 12.38 2.98
C ALA B 252 -13.11 12.50 3.21
N LEU B 253 -13.67 13.72 3.18
CA LEU B 253 -15.11 13.95 3.35
C LEU B 253 -15.95 13.40 2.22
N CYS B 254 -15.56 13.68 0.97
CA CYS B 254 -16.27 13.23 -0.24
C CYS B 254 -16.35 11.72 -0.38
N TYR B 255 -15.24 11.00 -0.10
CA TYR B 255 -15.13 9.55 -0.22
C TYR B 255 -15.54 8.79 1.03
N LEU B 256 -15.73 9.48 2.17
CA LEU B 256 -16.15 8.80 3.40
C LEU B 256 -17.53 8.10 3.26
N PRO B 257 -18.66 8.76 2.86
CA PRO B 257 -19.94 8.03 2.77
C PRO B 257 -19.90 6.77 1.93
N ILE B 258 -19.32 6.82 0.72
CA ILE B 258 -19.25 5.63 -0.14
C ILE B 258 -18.38 4.51 0.48
N SER B 259 -17.21 4.85 1.04
CA SER B 259 -16.26 3.91 1.64
C SER B 259 -16.87 3.14 2.76
N VAL B 260 -17.52 3.87 3.69
CA VAL B 260 -18.23 3.35 4.85
C VAL B 260 -19.43 2.54 4.42
N LEU B 261 -20.28 3.05 3.50
CA LEU B 261 -21.46 2.32 3.00
C LEU B 261 -21.09 0.96 2.38
N ASN B 262 -20.02 0.91 1.56
CA ASN B 262 -19.52 -0.33 0.97
C ASN B 262 -19.05 -1.31 2.02
N VAL B 263 -18.35 -0.85 3.05
CA VAL B 263 -17.90 -1.72 4.14
C VAL B 263 -19.09 -2.27 4.92
N LEU B 264 -20.02 -1.40 5.38
CA LEU B 264 -21.22 -1.82 6.13
C LEU B 264 -22.05 -2.81 5.33
N LYS B 265 -22.17 -2.60 4.02
CA LYS B 265 -22.89 -3.51 3.15
C LYS B 265 -22.14 -4.84 2.90
N ARG B 266 -20.86 -4.77 2.51
CA ARG B 266 -20.09 -5.96 2.09
C ARG B 266 -19.42 -6.76 3.19
N VAL B 267 -18.96 -6.11 4.25
CA VAL B 267 -18.28 -6.78 5.34
C VAL B 267 -19.26 -7.10 6.48
N PHE B 268 -20.20 -6.19 6.78
CA PHE B 268 -21.13 -6.34 7.89
C PHE B 268 -22.54 -6.82 7.52
N GLY B 269 -22.81 -7.00 6.22
CA GLY B 269 -24.09 -7.51 5.74
C GLY B 269 -25.29 -6.65 6.08
N MET B 270 -25.13 -5.33 6.07
CA MET B 270 -26.19 -4.36 6.35
C MET B 270 -27.00 -4.01 5.10
N PHE B 271 -28.13 -3.30 5.31
CA PHE B 271 -29.07 -2.75 4.33
C PHE B 271 -29.83 -3.81 3.48
N ARG B 272 -29.95 -5.04 3.99
CA ARG B 272 -30.64 -6.13 3.28
C ARG B 272 -32.18 -6.12 3.47
N GLN B 273 -32.68 -5.46 4.56
CA GLN B 273 -34.12 -5.33 4.86
C GLN B 273 -34.83 -4.50 3.78
N ALA B 274 -35.95 -5.03 3.25
CA ALA B 274 -36.76 -4.43 2.16
C ALA B 274 -37.60 -3.21 2.56
N SER B 275 -37.74 -2.94 3.88
CA SER B 275 -38.53 -1.83 4.40
C SER B 275 -37.80 -0.49 4.20
N ASP B 276 -36.54 -0.39 4.67
CA ASP B 276 -35.72 0.82 4.57
C ASP B 276 -35.01 1.00 3.19
N ARG B 277 -35.45 0.26 2.14
CA ARG B 277 -34.92 0.29 0.77
C ARG B 277 -34.81 1.69 0.16
N GLU B 278 -35.80 2.55 0.42
CA GLU B 278 -35.87 3.93 -0.08
C GLU B 278 -34.73 4.77 0.52
N ALA B 279 -34.55 4.68 1.85
CA ALA B 279 -33.52 5.39 2.61
C ALA B 279 -32.11 4.94 2.19
N VAL B 280 -31.93 3.63 1.96
CA VAL B 280 -30.68 2.96 1.56
C VAL B 280 -30.23 3.39 0.16
N TYR B 281 -31.19 3.53 -0.76
CA TYR B 281 -30.91 3.93 -2.14
C TYR B 281 -30.60 5.41 -2.26
N ALA B 282 -31.25 6.25 -1.42
CA ALA B 282 -30.98 7.68 -1.36
C ALA B 282 -29.55 7.92 -0.83
N ALA B 283 -29.14 7.16 0.21
CA ALA B 283 -27.81 7.28 0.79
C ALA B 283 -26.72 6.86 -0.23
N PHE B 284 -26.92 5.73 -0.95
CA PHE B 284 -25.96 5.28 -1.96
C PHE B 284 -25.90 6.21 -3.15
N THR B 285 -27.03 6.80 -3.55
CA THR B 285 -27.07 7.74 -4.67
C THR B 285 -26.29 9.00 -4.31
N PHE B 286 -26.57 9.57 -3.13
CA PHE B 286 -25.87 10.74 -2.62
C PHE B 286 -24.34 10.49 -2.49
N SER B 287 -23.96 9.30 -2.01
CA SER B 287 -22.56 8.87 -1.84
C SER B 287 -21.80 8.82 -3.19
N HIS B 288 -22.50 8.37 -4.29
CA HIS B 288 -21.93 8.33 -5.65
C HIS B 288 -21.78 9.74 -6.17
N TRP B 289 -22.80 10.61 -6.03
CA TRP B 289 -22.72 12.00 -6.46
C TRP B 289 -21.54 12.72 -5.78
N LEU B 290 -21.38 12.51 -4.45
CA LEU B 290 -20.30 13.09 -3.62
C LEU B 290 -18.88 12.78 -4.16
N VAL B 291 -18.65 11.56 -4.69
CA VAL B 291 -17.38 11.14 -5.33
C VAL B 291 -17.10 12.05 -6.56
N TYR B 292 -18.14 12.28 -7.40
CA TYR B 292 -18.03 13.11 -8.60
C TYR B 292 -17.91 14.57 -8.22
N ALA B 293 -18.60 15.02 -7.15
CA ALA B 293 -18.53 16.39 -6.62
C ALA B 293 -17.07 16.78 -6.28
N ASN B 294 -16.24 15.81 -5.84
CA ASN B 294 -14.83 16.03 -5.51
C ASN B 294 -13.98 16.51 -6.71
N SER B 295 -14.19 15.93 -7.90
CA SER B 295 -13.53 16.32 -9.15
C SER B 295 -13.88 17.76 -9.49
N ALA B 296 -15.11 18.19 -9.13
CA ALA B 296 -15.54 19.56 -9.36
C ALA B 296 -14.87 20.50 -8.31
N ALA B 297 -14.79 20.04 -7.04
CA ALA B 297 -14.23 20.76 -5.89
C ALA B 297 -12.75 21.17 -6.02
N ASN B 298 -11.89 20.25 -6.50
CA ASN B 298 -10.44 20.48 -6.55
C ASN B 298 -10.05 21.73 -7.33
N PRO B 299 -10.49 22.01 -8.58
CA PRO B 299 -10.09 23.28 -9.22
C PRO B 299 -10.60 24.52 -8.48
N ILE B 300 -11.75 24.42 -7.76
CA ILE B 300 -12.31 25.53 -6.99
C ILE B 300 -11.39 25.87 -5.80
N ILE B 301 -10.94 24.84 -5.06
CA ILE B 301 -9.97 24.97 -3.97
C ILE B 301 -8.70 25.68 -4.50
N TYR B 302 -8.18 25.26 -5.70
CA TYR B 302 -6.99 25.88 -6.29
C TYR B 302 -7.19 27.35 -6.58
N ASN B 303 -8.37 27.72 -7.08
CA ASN B 303 -8.73 29.09 -7.37
C ASN B 303 -8.64 30.00 -6.14
N PHE B 304 -9.21 29.56 -4.99
CA PHE B 304 -9.22 30.35 -3.75
C PHE B 304 -7.94 30.26 -2.89
N LEU B 305 -7.12 29.20 -3.08
CA LEU B 305 -5.94 28.99 -2.25
C LEU B 305 -4.59 29.03 -2.99
N SER B 306 -4.61 29.24 -4.33
CA SER B 306 -3.38 29.42 -5.11
C SER B 306 -3.52 30.63 -5.99
N GLY B 307 -2.63 31.60 -5.80
CA GLY B 307 -2.59 32.84 -6.58
C GLY B 307 -2.19 32.58 -8.01
N LYS B 308 -1.26 31.63 -8.20
CA LYS B 308 -0.75 31.20 -9.50
C LYS B 308 -1.84 30.47 -10.29
N PHE B 309 -2.68 29.65 -9.62
CA PHE B 309 -3.80 29.01 -10.31
C PHE B 309 -4.92 30.04 -10.61
N ARG B 310 -5.20 30.97 -9.68
CA ARG B 310 -6.23 32.01 -9.81
CA ARG B 310 -6.23 32.00 -9.83
C ARG B 310 -6.05 32.95 -11.06
N GLU B 311 -4.79 33.37 -11.30
CA GLU B 311 -4.42 34.26 -12.43
C GLU B 311 -4.67 33.61 -13.79
N GLN B 312 -4.28 32.32 -13.90
CA GLN B 312 -4.44 31.52 -15.11
C GLN B 312 -5.92 31.31 -15.42
N PHE B 313 -6.74 31.04 -14.37
CA PHE B 313 -8.18 30.83 -14.48
C PHE B 313 -8.88 32.14 -14.88
N LYS B 314 -8.47 33.28 -14.27
CA LYS B 314 -8.99 34.62 -14.58
C LYS B 314 -8.73 34.94 -16.07
N ALA B 315 -7.50 34.62 -16.55
CA ALA B 315 -7.06 34.79 -17.94
C ALA B 315 -7.90 33.93 -18.89
N ALA B 316 -8.25 32.70 -18.48
CA ALA B 316 -9.10 31.79 -19.26
C ALA B 316 -10.53 32.35 -19.44
N PHE B 317 -11.17 32.78 -18.32
CA PHE B 317 -12.53 33.34 -18.37
C PHE B 317 -12.59 34.69 -19.07
N SER B 318 -11.50 35.50 -19.02
CA SER B 318 -11.43 36.79 -19.72
C SER B 318 -11.31 36.59 -21.24
N TRP B 319 -10.78 35.42 -21.67
CA TRP B 319 -10.62 35.05 -23.08
C TRP B 319 -11.91 34.38 -23.60
N TRP B 320 -12.54 33.53 -22.78
CA TRP B 320 -13.79 32.85 -23.15
C TRP B 320 -15.00 33.82 -23.13
N LEU B 321 -14.85 35.01 -22.50
CA LEU B 321 -15.87 36.05 -22.40
C LEU B 321 -15.30 37.39 -22.84
#